data_6GSG
#
_entry.id   6GSG
#
_cell.length_a   114.037
_cell.length_b   114.037
_cell.length_c   92.463
_cell.angle_alpha   90.00
_cell.angle_beta   90.00
_cell.angle_gamma   120.00
#
_symmetry.space_group_name_H-M   'P 32 2 1'
#
loop_
_entity.id
_entity.type
_entity.pdbx_description
1 polymer 'Catechol oxidase'
2 branched alpha-D-mannopyranose-(1-3)-[alpha-D-mannopyranose-(1-6)]alpha-D-mannopyranose-(1-6)-[alpha-D-mannopyranose-(1-3)]beta-D-mannopyranose-(1-4)-2-acetamido-2-deoxy-beta-D-glucopyranose-(1-4)-2-acetamido-2-deoxy-beta-D-glucopyranose
3 non-polymer 'COPPER (II) ION'
4 non-polymer alpha-D-mannopyranose
5 non-polymer 2-acetamido-2-deoxy-beta-D-glucopyranose
6 non-polymer RESORCINOL
7 non-polymer 'HYDROGEN PEROXIDE'
8 water water
#
_entity_poly.entity_id   1
_entity_poly.type   'polypeptide(L)'
_entity_poly.pdbx_seq_one_letter_code
;AATATLPTTASS(SEP)TAVASSQLDQLANFAYNVTTDSVAGGSESKRGGCTLQNLRVRRDWRAFSKTQKKDYINSVLCL
QKLPSRTPAHLAPGARTRYDDFVATHINQTQIIHYTGTFLAWHRYFIYEFEQALRDECSYTGDYPYWNWGADADNMEKSQ
VFDGSETSMSGNGEYIPNQGDIKLLLGNYPAIDLPPGSGGGCVTSGPFKDYKLNLGPAALSLPGGNMTAAANPLTYNPRC
MKRSLTTEILQRYNTFPKIVELILDSDDIWDFQMTMQGVPGSGSIGVHGGGHYSMGGDPGRDVYVSPGDTAFWLHHGMID
RVWWIWQNLDLRKRQNAISGTGTFMNNPASPNTTLDTVIDLGYANGGPIAMRDLMSTTAGPFCYVYL
;
_entity_poly.pdbx_strand_id   A
#
loop_
_chem_comp.id
_chem_comp.type
_chem_comp.name
_chem_comp.formula
BMA D-saccharide, beta linking beta-D-mannopyranose 'C6 H12 O6'
CU non-polymer 'COPPER (II) ION' 'Cu 2'
MAN D-saccharide, alpha linking alpha-D-mannopyranose 'C6 H12 O6'
NAG D-saccharide, beta linking 2-acetamido-2-deoxy-beta-D-glucopyranose 'C8 H15 N O6'
PEO non-polymer 'HYDROGEN PEROXIDE' 'H2 O2'
RCO non-polymer RESORCINOL 'C6 H6 O2'
#
# COMPACT_ATOMS: atom_id res chain seq x y z
N THR A 5 11.73 -27.26 -9.01
CA THR A 5 10.79 -27.03 -10.10
C THR A 5 9.73 -26.01 -9.71
N LEU A 6 9.98 -24.73 -10.04
CA LEU A 6 9.07 -23.66 -9.72
C LEU A 6 7.86 -23.66 -10.66
N PRO A 7 6.70 -23.23 -10.18
CA PRO A 7 5.56 -23.04 -11.09
C PRO A 7 5.90 -22.03 -12.16
N THR A 8 5.28 -22.21 -13.33
CA THR A 8 5.46 -21.29 -14.44
C THR A 8 4.14 -20.71 -14.94
N THR A 9 3.01 -21.27 -14.54
CA THR A 9 1.69 -20.82 -14.98
C THR A 9 0.76 -20.86 -13.79
N ALA A 10 0.05 -19.75 -13.55
CA ALA A 10 -0.86 -19.67 -12.42
C ALA A 10 -2.04 -20.63 -12.61
N SER A 11 -2.45 -21.26 -11.52
CA SER A 11 -3.57 -22.18 -11.54
C SER A 11 -4.87 -21.45 -11.28
N SER A 12 -5.98 -22.12 -11.61
CA SER A 12 -7.30 -21.51 -11.49
C SER A 12 -8.00 -21.85 -10.17
N SEP A 13 -7.57 -22.91 -9.50
CA SEP A 13 -8.09 -23.15 -8.15
CB SEP A 13 -7.93 -24.61 -7.70
OG SEP A 13 -9.14 -25.15 -7.12
C SEP A 13 -7.36 -22.24 -7.18
O SEP A 13 -6.13 -22.08 -7.26
P SEP A 13 -9.97 -24.26 -6.04
O1P SEP A 13 -10.83 -23.12 -6.77
O2P SEP A 13 -11.02 -25.18 -5.25
O3P SEP A 13 -9.01 -23.61 -4.93
N THR A 14 -8.12 -21.62 -6.28
CA THR A 14 -7.60 -20.79 -5.22
C THR A 14 -6.56 -21.55 -4.40
N ALA A 15 -6.93 -22.77 -3.99
CA ALA A 15 -6.06 -23.57 -3.13
C ALA A 15 -4.72 -23.86 -3.79
N VAL A 16 -4.74 -24.22 -5.08
CA VAL A 16 -3.49 -24.53 -5.77
C VAL A 16 -2.68 -23.25 -5.99
N ALA A 17 -3.35 -22.17 -6.40
CA ALA A 17 -2.66 -20.89 -6.55
C ALA A 17 -2.02 -20.44 -5.23
N SER A 18 -2.67 -20.75 -4.11
CA SER A 18 -2.11 -20.42 -2.80
C SER A 18 -0.78 -21.15 -2.57
N SER A 19 -0.72 -22.44 -2.93
CA SER A 19 0.50 -23.21 -2.76
C SER A 19 1.60 -22.73 -3.70
N GLN A 20 1.22 -22.35 -4.92
CA GLN A 20 2.20 -21.74 -5.83
C GLN A 20 2.83 -20.51 -5.20
N LEU A 21 2.02 -19.65 -4.58
CA LEU A 21 2.54 -18.44 -3.96
C LEU A 21 3.51 -18.77 -2.84
N ASP A 22 3.14 -19.71 -1.96
CA ASP A 22 4.03 -20.12 -0.89
C ASP A 22 5.36 -20.62 -1.46
N GLN A 23 5.29 -21.41 -2.53
CA GLN A 23 6.51 -21.96 -3.12
C GLN A 23 7.39 -20.88 -3.71
N LEU A 24 6.79 -19.91 -4.41
CA LEU A 24 7.56 -18.77 -4.91
C LEU A 24 8.12 -17.94 -3.76
N ALA A 25 7.33 -17.77 -2.69
CA ALA A 25 7.82 -17.07 -1.51
C ALA A 25 9.00 -17.81 -0.89
N ASN A 26 8.89 -19.13 -0.76
CA ASN A 26 9.99 -19.93 -0.24
C ASN A 26 11.26 -19.76 -1.08
N PHE A 27 11.11 -19.77 -2.41
CA PHE A 27 12.26 -19.56 -3.28
C PHE A 27 12.88 -18.18 -3.05
N ALA A 28 12.05 -17.14 -2.99
CA ALA A 28 12.56 -15.79 -2.74
C ALA A 28 13.28 -15.71 -1.41
N TYR A 29 12.75 -16.37 -0.38
CA TYR A 29 13.44 -16.42 0.91
C TYR A 29 14.82 -17.06 0.79
N ASN A 30 14.90 -18.20 0.09
CA ASN A 30 16.19 -18.87 -0.10
C ASN A 30 17.19 -17.94 -0.77
N VAL A 31 16.76 -17.27 -1.84
CA VAL A 31 17.66 -16.41 -2.61
C VAL A 31 18.14 -15.24 -1.77
N THR A 32 17.26 -14.67 -0.95
CA THR A 32 17.66 -13.50 -0.17
C THR A 32 18.60 -13.88 0.97
N THR A 33 18.32 -14.97 1.68
CA THR A 33 19.21 -15.40 2.74
C THR A 33 20.58 -15.80 2.20
N ASP A 34 20.63 -16.37 0.99
CA ASP A 34 21.91 -16.76 0.40
CA ASP A 34 21.91 -16.76 0.41
C ASP A 34 22.75 -15.54 0.09
N SER A 35 22.14 -14.49 -0.46
CA SER A 35 22.88 -13.28 -0.80
C SER A 35 23.38 -12.53 0.43
N VAL A 36 22.77 -12.78 1.59
CA VAL A 36 23.20 -12.13 2.82
C VAL A 36 24.29 -12.94 3.52
N ALA A 37 24.22 -14.26 3.43
CA ALA A 37 25.16 -15.13 4.14
C ALA A 37 26.56 -15.08 3.51
N GLY A 46 25.73 -2.78 7.86
CA GLY A 46 25.91 -4.04 7.17
C GLY A 46 24.80 -5.04 7.42
N CYS A 47 24.12 -5.46 6.35
CA CYS A 47 23.06 -6.45 6.47
C CYS A 47 23.66 -7.84 6.65
N THR A 48 23.31 -8.50 7.75
CA THR A 48 23.77 -9.85 8.04
C THR A 48 22.57 -10.71 8.38
N LEU A 49 22.81 -12.02 8.48
CA LEU A 49 21.74 -12.93 8.89
C LEU A 49 21.23 -12.59 10.29
N GLN A 50 22.13 -12.10 11.16
CA GLN A 50 21.74 -11.86 12.55
C GLN A 50 20.80 -10.67 12.67
N ASN A 51 20.98 -9.65 11.84
CA ASN A 51 20.12 -8.47 11.89
C ASN A 51 19.13 -8.41 10.72
N LEU A 52 18.96 -9.51 9.99
CA LEU A 52 17.95 -9.58 8.94
C LEU A 52 16.56 -9.67 9.57
N ARG A 53 15.73 -8.65 9.35
CA ARG A 53 14.40 -8.61 9.92
C ARG A 53 13.42 -9.39 9.03
N VAL A 54 12.37 -9.90 9.66
CA VAL A 54 11.36 -10.69 8.97
C VAL A 54 10.02 -9.96 9.06
N ARG A 55 9.39 -9.75 7.91
CA ARG A 55 8.05 -9.21 7.83
C ARG A 55 7.05 -10.35 7.66
N ARG A 56 5.90 -10.23 8.33
CA ARG A 56 5.02 -11.40 8.48
C ARG A 56 3.56 -11.02 8.26
N ASP A 57 2.78 -12.03 7.87
CA ASP A 57 1.34 -11.91 7.73
C ASP A 57 0.72 -11.45 9.05
N TRP A 58 -0.25 -10.52 8.95
CA TRP A 58 -0.96 -10.04 10.13
C TRP A 58 -1.56 -11.19 10.93
N ARG A 59 -1.93 -12.29 10.27
CA ARG A 59 -2.50 -13.45 10.94
C ARG A 59 -1.47 -14.16 11.82
N ALA A 60 -0.17 -13.96 11.58
CA ALA A 60 0.86 -14.55 12.41
C ALA A 60 1.10 -13.78 13.71
N PHE A 61 0.49 -12.60 13.86
CA PHE A 61 0.67 -11.78 15.05
C PHE A 61 -0.28 -12.27 16.15
N SER A 62 0.25 -12.44 17.36
CA SER A 62 -0.60 -12.75 18.49
C SER A 62 -1.43 -11.53 18.88
N LYS A 63 -2.40 -11.75 19.78
CA LYS A 63 -3.24 -10.65 20.24
C LYS A 63 -2.40 -9.54 20.84
N THR A 64 -1.43 -9.89 21.68
CA THR A 64 -0.53 -8.88 22.26
C THR A 64 0.33 -8.23 21.18
N GLN A 65 0.83 -9.00 20.22
CA GLN A 65 1.64 -8.44 19.16
C GLN A 65 0.84 -7.49 18.28
N LYS A 66 -0.40 -7.87 17.94
CA LYS A 66 -1.27 -6.96 17.20
C LYS A 66 -1.49 -5.67 17.96
N LYS A 67 -1.76 -5.77 19.26
CA LYS A 67 -2.01 -4.57 20.06
C LYS A 67 -0.78 -3.69 20.18
N ASP A 68 0.42 -4.29 20.20
CA ASP A 68 1.64 -3.50 20.27
C ASP A 68 1.83 -2.67 19.00
N TYR A 69 1.59 -3.26 17.84
CA TYR A 69 1.69 -2.51 16.60
C TYR A 69 0.65 -1.40 16.56
N ILE A 70 -0.61 -1.71 16.93
CA ILE A 70 -1.67 -0.71 16.90
C ILE A 70 -1.35 0.44 17.85
N ASN A 71 -0.85 0.13 19.05
CA ASN A 71 -0.51 1.17 20.01
C ASN A 71 0.55 2.12 19.45
N SER A 72 1.56 1.57 18.77
CA SER A 72 2.60 2.42 18.20
C SER A 72 2.05 3.34 17.12
N VAL A 73 1.12 2.83 16.30
CA VAL A 73 0.47 3.68 15.31
C VAL A 73 -0.32 4.78 16.00
N LEU A 74 -1.04 4.44 17.08
CA LEU A 74 -1.79 5.44 17.83
C LEU A 74 -0.87 6.47 18.45
N CYS A 75 0.30 6.04 18.94
CA CYS A 75 1.31 6.97 19.41
C CYS A 75 1.68 7.98 18.32
N LEU A 76 1.92 7.48 17.10
CA LEU A 76 2.28 8.35 16.00
C LEU A 76 1.16 9.33 15.65
N GLN A 77 -0.09 8.97 15.95
CA GLN A 77 -1.24 9.85 15.70
C GLN A 77 -1.50 10.83 16.84
N LYS A 78 -0.59 10.92 17.81
CA LYS A 78 -0.60 11.92 18.87
C LYS A 78 0.63 12.80 18.88
N LEU A 79 1.81 12.24 18.63
CA LEU A 79 3.04 13.01 18.61
C LEU A 79 2.92 14.13 17.58
N PRO A 80 3.41 15.33 17.88
CA PRO A 80 3.18 16.47 16.99
C PRO A 80 3.94 16.36 15.68
N SER A 81 3.37 16.97 14.64
CA SER A 81 3.95 16.92 13.30
C SER A 81 5.22 17.76 13.20
N ARG A 82 6.17 17.27 12.41
CA ARG A 82 7.40 17.99 12.12
C ARG A 82 7.29 18.89 10.90
N THR A 83 6.25 18.72 10.10
CA THR A 83 6.09 19.52 8.89
C THR A 83 5.83 20.98 9.28
N PRO A 84 6.53 21.93 8.66
CA PRO A 84 6.30 23.34 9.02
C PRO A 84 4.85 23.73 8.87
N ALA A 85 4.33 24.44 9.88
CA ALA A 85 2.92 24.81 9.89
C ALA A 85 2.54 25.60 8.65
N HIS A 86 3.44 26.46 8.16
CA HIS A 86 3.10 27.30 7.02
C HIS A 86 3.05 26.51 5.70
N LEU A 87 3.71 25.35 5.64
CA LEU A 87 3.64 24.52 4.44
C LEU A 87 2.41 23.62 4.43
N ALA A 88 1.96 23.16 5.60
CA ALA A 88 0.76 22.33 5.71
C ALA A 88 -0.02 22.76 6.95
N PRO A 89 -0.91 23.73 6.81
CA PRO A 89 -1.65 24.24 7.99
C PRO A 89 -2.43 23.16 8.73
N GLY A 90 -2.90 22.14 8.02
CA GLY A 90 -3.74 21.13 8.61
C GLY A 90 -3.02 19.98 9.31
N ALA A 91 -1.70 19.90 9.20
CA ALA A 91 -0.97 18.82 9.84
C ALA A 91 -0.88 19.05 11.34
N ARG A 92 -1.03 17.97 12.10
CA ARG A 92 -1.00 18.06 13.55
C ARG A 92 -0.08 16.99 14.14
N THR A 93 0.01 15.83 13.50
CA THR A 93 0.70 14.69 14.07
C THR A 93 1.79 14.17 13.14
N ARG A 94 2.67 13.35 13.70
CA ARG A 94 3.66 12.65 12.90
C ARG A 94 3.00 11.79 11.83
N TYR A 95 1.88 11.13 12.16
CA TYR A 95 1.12 10.41 11.15
C TYR A 95 0.74 11.34 10.00
N ASP A 96 0.31 12.56 10.31
CA ASP A 96 -0.01 13.54 9.27
C ASP A 96 1.20 13.83 8.38
N ASP A 97 2.40 13.79 8.93
CA ASP A 97 3.60 14.07 8.12
C ASP A 97 3.69 13.11 6.95
N PHE A 98 3.37 11.83 7.17
CA PHE A 98 3.43 10.85 6.08
C PHE A 98 2.31 11.07 5.09
N VAL A 99 1.10 11.34 5.58
CA VAL A 99 -0.02 11.63 4.68
C VAL A 99 0.30 12.84 3.81
N ALA A 100 0.88 13.88 4.40
CA ALA A 100 1.10 15.12 3.69
C ALA A 100 2.09 14.94 2.52
N THR A 101 3.19 14.23 2.77
CA THR A 101 4.16 14.03 1.71
C THR A 101 3.56 13.22 0.56
N HIS A 102 2.67 12.27 0.89
CA HIS A 102 2.06 11.45 -0.16
C HIS A 102 1.10 12.28 -1.01
N ILE A 103 0.28 13.12 -0.37
CA ILE A 103 -0.55 14.06 -1.11
C ILE A 103 0.31 14.92 -2.03
N ASN A 104 1.43 15.39 -1.50
CA ASN A 104 2.24 16.38 -2.19
C ASN A 104 2.96 15.78 -3.40
N GLN A 105 3.25 14.48 -3.38
CA GLN A 105 4.04 13.85 -4.44
C GLN A 105 3.26 12.85 -5.28
N THR A 106 1.94 12.73 -5.06
CA THR A 106 1.15 11.71 -5.74
C THR A 106 1.35 11.74 -7.26
N GLN A 107 1.51 12.93 -7.84
CA GLN A 107 1.63 13.04 -9.30
C GLN A 107 2.97 12.53 -9.83
N ILE A 108 3.95 12.23 -8.97
CA ILE A 108 5.25 11.76 -9.43
C ILE A 108 5.65 10.44 -8.79
N ILE A 109 4.75 9.79 -8.05
CA ILE A 109 5.05 8.51 -7.39
C ILE A 109 4.10 7.41 -7.79
N HIS A 110 3.16 7.66 -8.71
CA HIS A 110 2.27 6.64 -9.22
C HIS A 110 2.36 6.62 -10.74
N TYR A 111 2.36 5.41 -11.31
CA TYR A 111 2.57 5.22 -12.76
C TYR A 111 3.85 5.91 -13.22
N THR A 112 4.90 5.77 -12.41
CA THR A 112 6.22 6.29 -12.69
C THR A 112 7.24 5.16 -12.55
N GLY A 113 8.45 5.40 -13.03
CA GLY A 113 9.53 4.46 -12.78
C GLY A 113 9.89 4.33 -11.31
N THR A 114 9.45 5.29 -10.49
CA THR A 114 9.76 5.32 -9.06
C THR A 114 8.69 4.67 -8.19
N PHE A 115 7.56 4.26 -8.76
CA PHE A 115 6.40 3.85 -7.97
C PHE A 115 6.77 2.80 -6.91
N LEU A 116 7.38 1.70 -7.35
CA LEU A 116 7.64 0.59 -6.43
C LEU A 116 8.70 0.96 -5.40
N ALA A 117 9.81 1.57 -5.84
CA ALA A 117 10.90 1.90 -4.93
C ALA A 117 10.49 3.00 -3.94
N TRP A 118 9.80 4.03 -4.42
CA TRP A 118 9.34 5.09 -3.53
C TRP A 118 8.47 4.50 -2.40
N HIS A 119 7.56 3.60 -2.75
CA HIS A 119 6.67 3.05 -1.72
C HIS A 119 7.41 2.09 -0.81
N ARG A 120 8.45 1.42 -1.30
CA ARG A 120 9.30 0.63 -0.42
C ARG A 120 9.98 1.51 0.62
N TYR A 121 10.55 2.64 0.17
CA TYR A 121 11.16 3.59 1.11
C TYR A 121 10.11 4.22 2.03
N PHE A 122 8.93 4.51 1.48
CA PHE A 122 7.87 5.13 2.29
C PHE A 122 7.52 4.28 3.51
N ILE A 123 7.19 3.00 3.29
CA ILE A 123 6.74 2.18 4.41
C ILE A 123 7.89 1.82 5.33
N TYR A 124 9.11 1.71 4.80
CA TYR A 124 10.26 1.47 5.66
C TYR A 124 10.45 2.61 6.65
N GLU A 125 10.34 3.85 6.18
CA GLU A 125 10.54 4.99 7.06
C GLU A 125 9.37 5.17 8.02
N PHE A 126 8.17 4.73 7.63
CA PHE A 126 7.07 4.63 8.58
C PHE A 126 7.42 3.65 9.70
N GLU A 127 7.90 2.46 9.33
CA GLU A 127 8.38 1.50 10.31
C GLU A 127 9.45 2.12 11.22
N GLN A 128 10.38 2.90 10.66
CA GLN A 128 11.42 3.51 11.48
C GLN A 128 10.84 4.51 12.47
N ALA A 129 9.82 5.28 12.05
CA ALA A 129 9.15 6.18 12.97
C ALA A 129 8.50 5.41 14.11
N LEU A 130 7.89 4.26 13.79
CA LEU A 130 7.28 3.45 14.85
C LEU A 130 8.32 2.96 15.84
N ARG A 131 9.50 2.55 15.35
CA ARG A 131 10.53 2.01 16.23
C ARG A 131 11.23 3.09 17.04
N ASP A 132 11.51 4.24 16.43
CA ASP A 132 12.38 5.23 17.05
C ASP A 132 11.61 6.24 17.89
N GLU A 133 10.37 6.55 17.53
CA GLU A 133 9.57 7.51 18.29
C GLU A 133 8.44 6.89 19.08
N CYS A 134 8.10 5.62 18.83
CA CYS A 134 6.95 5.02 19.48
C CYS A 134 7.25 3.64 20.07
N SER A 135 8.54 3.31 20.22
CA SER A 135 8.98 2.17 21.02
C SER A 135 8.50 0.82 20.48
N TYR A 136 8.24 0.73 19.18
CA TYR A 136 7.80 -0.53 18.60
C TYR A 136 9.00 -1.47 18.41
N THR A 137 8.86 -2.71 18.86
CA THR A 137 9.91 -3.71 18.71
C THR A 137 9.48 -4.94 17.92
N GLY A 138 8.28 -4.98 17.38
CA GLY A 138 7.78 -6.14 16.66
C GLY A 138 8.14 -6.12 15.18
N ASP A 139 7.45 -6.98 14.43
CA ASP A 139 7.69 -7.14 13.00
C ASP A 139 6.76 -6.24 12.19
N TYR A 140 7.18 -5.97 10.95
CA TYR A 140 6.33 -5.21 10.05
C TYR A 140 5.23 -6.13 9.51
N PRO A 141 3.96 -5.74 9.59
CA PRO A 141 2.87 -6.62 9.13
C PRO A 141 2.43 -6.36 7.70
N TYR A 142 1.99 -7.41 7.00
CA TYR A 142 1.38 -7.23 5.68
C TYR A 142 0.01 -7.91 5.66
N TRP A 143 -0.80 -7.50 4.69
CA TRP A 143 -2.16 -8.00 4.51
C TRP A 143 -2.17 -8.89 3.28
N ASN A 144 -2.38 -10.20 3.48
CA ASN A 144 -2.46 -11.15 2.37
C ASN A 144 -3.88 -11.11 1.83
N TRP A 145 -4.08 -10.39 0.72
CA TRP A 145 -5.41 -10.22 0.17
C TRP A 145 -6.08 -11.57 -0.09
N GLY A 146 -5.32 -12.53 -0.61
CA GLY A 146 -5.91 -13.77 -1.08
C GLY A 146 -6.70 -14.51 -0.03
N ALA A 147 -6.26 -14.44 1.23
CA ALA A 147 -6.95 -15.15 2.31
C ALA A 147 -8.29 -14.51 2.66
N ASP A 148 -8.49 -13.24 2.29
CA ASP A 148 -9.71 -12.51 2.63
C ASP A 148 -10.62 -12.28 1.44
N ALA A 149 -10.26 -12.77 0.25
CA ALA A 149 -10.96 -12.37 -0.97
C ALA A 149 -12.43 -12.80 -0.99
N ASP A 150 -12.82 -13.78 -0.16
CA ASP A 150 -14.19 -14.25 -0.19
C ASP A 150 -15.06 -13.67 0.93
N ASN A 151 -14.46 -12.96 1.90
CA ASN A 151 -15.22 -12.31 2.96
C ASN A 151 -14.36 -11.28 3.66
N MET A 152 -14.29 -10.07 3.09
CA MET A 152 -13.45 -9.02 3.65
C MET A 152 -13.87 -8.66 5.08
N GLU A 153 -15.16 -8.77 5.39
CA GLU A 153 -15.64 -8.43 6.73
C GLU A 153 -15.07 -9.34 7.81
N LYS A 154 -14.55 -10.52 7.43
CA LYS A 154 -13.97 -11.45 8.38
C LYS A 154 -12.46 -11.36 8.46
N SER A 155 -11.84 -10.50 7.65
CA SER A 155 -10.41 -10.29 7.72
C SER A 155 -9.98 -9.83 9.10
N GLN A 156 -8.86 -10.39 9.57
CA GLN A 156 -8.30 -9.92 10.84
C GLN A 156 -7.86 -8.47 10.75
N VAL A 157 -7.63 -7.97 9.53
CA VAL A 157 -7.28 -6.57 9.34
C VAL A 157 -8.52 -5.68 9.48
N PHE A 158 -9.71 -6.18 9.10
CA PHE A 158 -10.88 -5.34 8.95
C PHE A 158 -12.12 -5.82 9.71
N ASP A 159 -11.97 -6.73 10.68
CA ASP A 159 -13.14 -7.32 11.31
C ASP A 159 -13.78 -6.43 12.36
N GLY A 160 -13.21 -5.25 12.65
CA GLY A 160 -13.79 -4.33 13.59
C GLY A 160 -13.44 -4.59 15.05
N SER A 161 -12.72 -5.65 15.35
CA SER A 161 -12.38 -5.96 16.73
C SER A 161 -11.27 -5.04 17.24
N GLU A 162 -10.86 -5.27 18.49
CA GLU A 162 -9.78 -4.48 19.08
C GLU A 162 -8.42 -4.80 18.48
N THR A 163 -8.31 -5.79 17.59
CA THR A 163 -7.06 -6.10 16.91
C THR A 163 -7.17 -5.90 15.40
N SER A 164 -8.13 -5.13 14.94
CA SER A 164 -8.23 -4.75 13.54
C SER A 164 -7.69 -3.32 13.35
N MET A 165 -7.57 -2.92 12.09
CA MET A 165 -7.33 -1.52 11.77
C MET A 165 -8.66 -0.78 11.75
N SER A 166 -9.49 -1.02 12.76
CA SER A 166 -10.93 -0.76 12.74
C SER A 166 -11.57 -1.55 11.60
N GLY A 167 -12.90 -1.53 11.52
CA GLY A 167 -13.57 -2.39 10.57
C GLY A 167 -14.34 -1.65 9.49
N ASN A 168 -15.64 -1.93 9.40
CA ASN A 168 -16.50 -1.31 8.40
C ASN A 168 -17.04 0.01 8.92
N GLY A 169 -17.45 0.86 7.98
CA GLY A 169 -18.17 2.05 8.34
C GLY A 169 -19.65 1.79 8.50
N GLU A 170 -20.33 2.71 9.18
CA GLU A 170 -21.76 2.55 9.39
C GLU A 170 -22.47 2.43 8.05
N TYR A 171 -23.40 1.48 7.97
CA TYR A 171 -24.04 1.14 6.71
C TYR A 171 -24.93 2.29 6.23
N ILE A 172 -24.86 2.56 4.93
CA ILE A 172 -25.66 3.61 4.30
C ILE A 172 -26.41 2.99 3.13
N PRO A 173 -27.73 2.86 3.21
CA PRO A 173 -28.46 2.09 2.21
C PRO A 173 -28.62 2.82 0.89
N ASN A 174 -28.72 2.02 -0.18
CA ASN A 174 -29.00 2.51 -1.53
C ASN A 174 -27.96 3.53 -2.00
N GLN A 175 -26.69 3.22 -1.74
CA GLN A 175 -25.61 4.05 -2.24
C GLN A 175 -25.44 3.86 -3.74
N GLY A 176 -25.17 4.95 -4.45
CA GLY A 176 -24.82 4.85 -5.85
C GLY A 176 -23.50 4.12 -6.04
N ASP A 177 -23.28 3.69 -7.27
CA ASP A 177 -22.05 2.98 -7.60
C ASP A 177 -20.87 3.96 -7.70
N ILE A 178 -19.67 3.40 -7.69
CA ILE A 178 -18.43 4.18 -7.79
C ILE A 178 -18.00 4.20 -9.24
N LYS A 179 -17.68 5.39 -9.75
CA LYS A 179 -17.26 5.56 -11.14
C LYS A 179 -15.82 6.07 -11.14
N LEU A 180 -14.94 5.34 -11.81
CA LEU A 180 -13.51 5.64 -11.84
C LEU A 180 -13.14 6.11 -13.25
N LEU A 181 -12.66 7.35 -13.35
CA LEU A 181 -12.20 7.92 -14.60
C LEU A 181 -10.70 8.17 -14.54
N LEU A 182 -10.04 8.03 -15.68
CA LEU A 182 -8.62 8.33 -15.80
C LEU A 182 -8.37 8.79 -17.22
N GLY A 183 -8.03 10.06 -17.38
CA GLY A 183 -7.96 10.61 -18.72
C GLY A 183 -9.33 10.59 -19.37
N ASN A 184 -9.38 10.14 -20.62
CA ASN A 184 -10.66 9.88 -21.27
C ASN A 184 -10.68 8.46 -21.83
N TYR A 185 -10.41 7.49 -20.97
CA TYR A 185 -10.71 6.08 -21.06
C TYR A 185 -12.14 5.83 -20.58
N PRO A 186 -12.81 4.79 -21.08
CA PRO A 186 -14.17 4.50 -20.59
C PRO A 186 -14.15 4.20 -19.10
N ALA A 187 -15.15 4.74 -18.41
CA ALA A 187 -15.18 4.66 -16.95
C ALA A 187 -15.23 3.21 -16.48
N ILE A 188 -14.75 2.99 -15.25
CA ILE A 188 -14.82 1.71 -14.57
C ILE A 188 -15.77 1.87 -13.39
N ASP A 189 -16.75 0.97 -13.29
CA ASP A 189 -17.82 1.09 -12.32
C ASP A 189 -17.69 -0.01 -11.27
N LEU A 190 -17.75 0.37 -10.00
CA LEU A 190 -17.60 -0.54 -8.88
C LEU A 190 -18.81 -0.49 -7.95
N PRO A 191 -19.15 -1.60 -7.29
CA PRO A 191 -20.19 -1.55 -6.25
C PRO A 191 -19.72 -0.73 -5.07
N PRO A 192 -20.65 -0.19 -4.27
CA PRO A 192 -20.26 0.70 -3.16
C PRO A 192 -19.93 0.01 -1.85
N GLY A 193 -20.09 -1.32 -1.75
CA GLY A 193 -19.75 -2.01 -0.52
C GLY A 193 -20.85 -1.92 0.53
N SER A 194 -20.56 -2.52 1.69
CA SER A 194 -21.55 -2.73 2.74
C SER A 194 -21.43 -1.73 3.88
N GLY A 195 -20.70 -0.62 3.70
CA GLY A 195 -20.57 0.37 4.74
C GLY A 195 -20.97 1.76 4.28
N GLY A 196 -20.07 2.73 4.42
CA GLY A 196 -20.32 4.05 3.90
C GLY A 196 -19.94 5.19 4.83
N GLY A 197 -20.24 5.04 6.12
CA GLY A 197 -20.01 6.09 7.10
C GLY A 197 -18.74 5.90 7.91
N CYS A 198 -18.66 6.62 9.02
CA CYS A 198 -17.53 6.50 9.93
C CYS A 198 -17.41 5.07 10.45
N VAL A 199 -16.18 4.61 10.64
CA VAL A 199 -15.97 3.29 11.23
C VAL A 199 -16.64 3.25 12.59
N THR A 200 -17.32 2.13 12.86
CA THR A 200 -18.16 2.02 14.04
C THR A 200 -17.42 1.50 15.27
N SER A 201 -16.27 0.85 15.09
CA SER A 201 -15.62 0.15 16.18
C SER A 201 -14.12 0.11 15.94
N GLY A 202 -13.40 -0.44 16.92
CA GLY A 202 -11.98 -0.67 16.77
C GLY A 202 -11.12 0.42 17.34
N PRO A 203 -9.80 0.22 17.29
CA PRO A 203 -8.88 1.17 17.94
C PRO A 203 -8.77 2.51 17.23
N PHE A 204 -9.22 2.62 15.98
CA PHE A 204 -9.16 3.88 15.26
C PHE A 204 -10.54 4.54 15.12
N LYS A 205 -11.42 4.27 16.10
CA LYS A 205 -12.76 4.83 16.05
C LYS A 205 -12.79 6.32 16.37
N ASP A 206 -11.90 6.78 17.26
CA ASP A 206 -11.80 8.18 17.62
C ASP A 206 -10.69 8.91 16.87
N TYR A 207 -10.13 8.29 15.83
CA TYR A 207 -9.00 8.85 15.10
C TYR A 207 -9.49 9.78 13.99
N LYS A 208 -8.81 10.90 13.81
CA LYS A 208 -9.23 11.94 12.89
C LYS A 208 -8.29 12.03 11.70
N LEU A 209 -8.83 11.89 10.49
CA LEU A 209 -8.15 12.38 9.31
C LEU A 209 -8.08 13.90 9.36
N ASN A 210 -6.90 14.46 9.19
CA ASN A 210 -6.76 15.92 9.26
C ASN A 210 -6.57 16.59 7.91
N LEU A 211 -6.14 15.85 6.88
CA LEU A 211 -5.87 16.42 5.58
C LEU A 211 -6.83 15.88 4.54
N GLY A 212 -6.87 16.56 3.39
CA GLY A 212 -7.78 16.19 2.33
C GLY A 212 -9.19 16.64 2.62
N PRO A 213 -10.15 16.22 1.78
CA PRO A 213 -9.94 15.39 0.57
C PRO A 213 -9.27 16.14 -0.58
N ALA A 214 -8.62 15.39 -1.46
CA ALA A 214 -7.96 15.93 -2.63
C ALA A 214 -8.54 15.44 -3.94
N ALA A 215 -9.05 14.20 -3.98
CA ALA A 215 -9.70 13.64 -5.15
C ALA A 215 -10.52 12.42 -4.73
N LEU A 216 -11.52 12.65 -3.88
CA LEU A 216 -12.25 11.57 -3.21
C LEU A 216 -13.44 11.15 -4.08
N SER A 217 -13.37 9.95 -4.65
CA SER A 217 -14.49 9.41 -5.40
C SER A 217 -15.65 9.09 -4.46
N LEU A 218 -16.86 9.44 -4.88
CA LEU A 218 -18.04 9.28 -4.04
C LEU A 218 -19.03 8.33 -4.69
N PRO A 219 -19.84 7.63 -3.89
CA PRO A 219 -20.96 6.88 -4.45
C PRO A 219 -21.86 7.79 -5.27
N GLY A 220 -22.15 7.38 -6.51
CA GLY A 220 -22.95 8.14 -7.42
C GLY A 220 -22.17 8.73 -8.58
N GLY A 221 -20.85 8.84 -8.46
CA GLY A 221 -20.00 9.33 -9.53
C GLY A 221 -19.32 10.66 -9.27
N ASN A 222 -19.73 11.39 -8.23
CA ASN A 222 -19.09 12.68 -7.97
C ASN A 222 -17.71 12.49 -7.37
N MET A 223 -16.88 13.53 -7.48
CA MET A 223 -15.56 13.58 -6.87
C MET A 223 -15.41 14.91 -6.15
N THR A 224 -15.27 14.86 -4.83
CA THR A 224 -15.11 16.06 -4.02
C THR A 224 -13.64 16.30 -3.70
N ALA A 225 -13.29 17.57 -3.55
CA ALA A 225 -11.91 17.95 -3.25
C ALA A 225 -11.92 19.29 -2.53
N ALA A 226 -11.14 19.36 -1.45
CA ALA A 226 -10.97 20.63 -0.75
C ALA A 226 -10.18 21.60 -1.62
N ALA A 227 -10.46 22.89 -1.42
CA ALA A 227 -9.73 23.93 -2.16
C ALA A 227 -8.23 23.78 -1.97
N ASN A 228 -7.79 23.58 -0.73
CA ASN A 228 -6.40 23.25 -0.43
C ASN A 228 -6.40 22.01 0.43
N PRO A 229 -6.02 20.86 -0.13
CA PRO A 229 -6.10 19.59 0.64
C PRO A 229 -5.12 19.51 1.80
N LEU A 230 -4.24 20.49 1.98
CA LEU A 230 -3.31 20.50 3.10
C LEU A 230 -3.77 21.39 4.24
N THR A 231 -4.97 21.96 4.16
CA THR A 231 -5.52 22.72 5.26
C THR A 231 -6.29 21.81 6.22
N TYR A 232 -6.60 22.35 7.39
CA TYR A 232 -7.13 21.56 8.50
C TYR A 232 -8.56 21.13 8.21
N ASN A 233 -8.81 19.82 8.26
CA ASN A 233 -10.15 19.29 8.03
C ASN A 233 -10.37 18.03 8.85
N PRO A 234 -10.33 18.12 10.18
CA PRO A 234 -10.48 16.90 11.00
C PRO A 234 -11.83 16.23 10.78
N ARG A 235 -11.79 14.91 10.64
CA ARG A 235 -12.99 14.13 10.35
C ARG A 235 -12.68 12.66 10.57
N CYS A 236 -13.75 11.87 10.72
CA CYS A 236 -13.62 10.45 10.94
C CYS A 236 -13.10 9.74 9.69
N MET A 237 -12.48 8.58 9.91
CA MET A 237 -12.17 7.67 8.81
C MET A 237 -13.43 6.90 8.43
N LYS A 238 -13.71 6.83 7.13
CA LYS A 238 -14.88 6.14 6.62
C LYS A 238 -14.45 4.91 5.84
N ARG A 239 -15.21 3.83 5.98
CA ARG A 239 -14.97 2.61 5.23
C ARG A 239 -16.27 2.08 4.66
N SER A 240 -16.17 1.37 3.54
CA SER A 240 -17.28 0.61 2.96
C SER A 240 -16.68 -0.64 2.36
N LEU A 241 -16.50 -1.67 3.19
CA LEU A 241 -15.86 -2.90 2.76
C LEU A 241 -16.60 -3.51 1.59
N THR A 242 -15.84 -3.87 0.55
CA THR A 242 -16.41 -4.35 -0.72
C THR A 242 -15.70 -5.63 -1.11
N THR A 243 -16.23 -6.76 -0.63
CA THR A 243 -15.64 -8.07 -0.93
C THR A 243 -15.57 -8.31 -2.44
N GLU A 244 -16.57 -7.85 -3.19
CA GLU A 244 -16.61 -8.12 -4.63
C GLU A 244 -15.38 -7.60 -5.34
N ILE A 245 -14.79 -6.49 -4.87
CA ILE A 245 -13.61 -5.95 -5.53
C ILE A 245 -12.42 -6.89 -5.36
N LEU A 246 -12.21 -7.40 -4.13
CA LEU A 246 -11.14 -8.37 -3.93
C LEU A 246 -11.38 -9.65 -4.72
N GLN A 247 -12.64 -10.04 -4.84
CA GLN A 247 -12.98 -11.27 -5.59
C GLN A 247 -12.58 -11.16 -7.05
N ARG A 248 -12.61 -9.96 -7.62
CA ARG A 248 -12.23 -9.80 -9.02
C ARG A 248 -10.75 -9.51 -9.21
N TYR A 249 -10.09 -8.88 -8.23
CA TYR A 249 -8.75 -8.36 -8.47
C TYR A 249 -7.66 -8.93 -7.57
N ASN A 250 -7.99 -9.54 -6.43
CA ASN A 250 -6.97 -9.81 -5.41
C ASN A 250 -7.00 -11.26 -4.94
N THR A 251 -7.48 -12.18 -5.77
CA THR A 251 -7.48 -13.58 -5.38
C THR A 251 -6.10 -14.19 -5.59
N PHE A 252 -5.88 -15.34 -4.94
CA PHE A 252 -4.61 -16.05 -5.12
C PHE A 252 -4.27 -16.32 -6.58
N PRO A 253 -5.21 -16.75 -7.44
CA PRO A 253 -4.86 -16.86 -8.87
C PRO A 253 -4.44 -15.53 -9.49
N LYS A 254 -5.12 -14.44 -9.12
CA LYS A 254 -4.75 -13.13 -9.65
C LYS A 254 -3.36 -12.70 -9.15
N ILE A 255 -3.06 -12.98 -7.89
CA ILE A 255 -1.75 -12.63 -7.33
C ILE A 255 -0.64 -13.39 -8.05
N VAL A 256 -0.82 -14.70 -8.22
CA VAL A 256 0.23 -15.51 -8.83
C VAL A 256 0.35 -15.18 -10.32
N GLU A 257 -0.77 -14.89 -10.99
CA GLU A 257 -0.72 -14.50 -12.39
C GLU A 257 0.14 -13.26 -12.59
N LEU A 258 -0.04 -12.25 -11.73
CA LEU A 258 0.79 -11.05 -11.81
C LEU A 258 2.27 -11.38 -11.71
N ILE A 259 2.63 -12.28 -10.79
CA ILE A 259 4.03 -12.62 -10.59
C ILE A 259 4.57 -13.39 -11.79
N LEU A 260 3.84 -14.43 -12.23
CA LEU A 260 4.39 -15.36 -13.20
C LEU A 260 4.27 -14.84 -14.65
N ASP A 261 3.19 -14.14 -14.96
CA ASP A 261 2.97 -13.70 -16.34
C ASP A 261 3.68 -12.40 -16.69
N SER A 262 4.44 -11.81 -15.77
CA SER A 262 5.14 -10.55 -16.02
C SER A 262 6.63 -10.85 -16.25
N ASP A 263 7.10 -10.59 -17.47
CA ASP A 263 8.48 -10.91 -17.83
C ASP A 263 9.45 -9.75 -17.70
N ASP A 264 8.96 -8.51 -17.60
CA ASP A 264 9.83 -7.37 -17.38
C ASP A 264 9.17 -6.43 -16.38
N ILE A 265 9.95 -5.45 -15.91
CA ILE A 265 9.46 -4.57 -14.84
C ILE A 265 8.30 -3.72 -15.33
N TRP A 266 8.34 -3.31 -16.61
CA TRP A 266 7.22 -2.55 -17.17
C TRP A 266 5.90 -3.31 -17.03
N ASP A 267 5.88 -4.57 -17.48
CA ASP A 267 4.64 -5.33 -17.41
C ASP A 267 4.25 -5.65 -15.98
N PHE A 268 5.23 -5.85 -15.09
CA PHE A 268 4.92 -6.13 -13.70
C PHE A 268 4.22 -4.94 -13.05
N GLN A 269 4.86 -3.76 -13.09
CA GLN A 269 4.28 -2.61 -12.40
C GLN A 269 2.98 -2.17 -13.04
N MET A 270 2.84 -2.32 -14.37
CA MET A 270 1.60 -1.91 -15.02
C MET A 270 0.45 -2.84 -14.66
N THR A 271 0.69 -4.15 -14.73
CA THR A 271 -0.35 -5.10 -14.33
C THR A 271 -0.72 -4.93 -12.86
N MET A 272 0.25 -4.59 -12.02
CA MET A 272 -0.04 -4.40 -10.60
C MET A 272 -0.97 -3.22 -10.38
N GLN A 273 -0.68 -2.09 -11.01
CA GLN A 273 -1.49 -0.89 -10.80
C GLN A 273 -2.75 -0.87 -11.67
N GLY A 274 -2.80 -1.68 -12.73
CA GLY A 274 -3.92 -1.67 -13.63
C GLY A 274 -3.59 -0.97 -14.93
N VAL A 275 -3.67 -1.70 -16.04
CA VAL A 275 -3.36 -1.15 -17.35
C VAL A 275 -4.50 -0.22 -17.77
N PRO A 276 -4.22 1.04 -18.09
CA PRO A 276 -5.31 1.95 -18.49
C PRO A 276 -5.99 1.47 -19.75
N GLY A 277 -7.32 1.45 -19.71
CA GLY A 277 -8.11 0.95 -20.82
C GLY A 277 -8.40 -0.53 -20.78
N SER A 278 -7.86 -1.26 -19.81
CA SER A 278 -8.10 -2.69 -19.67
C SER A 278 -9.34 -3.00 -18.83
N GLY A 279 -9.90 -2.01 -18.14
CA GLY A 279 -10.97 -2.25 -17.21
C GLY A 279 -10.57 -2.91 -15.92
N SER A 280 -9.27 -3.14 -15.70
CA SER A 280 -8.76 -3.79 -14.51
C SER A 280 -7.92 -2.79 -13.70
N ILE A 281 -8.09 -2.81 -12.38
CA ILE A 281 -7.35 -1.91 -11.50
C ILE A 281 -6.23 -2.64 -10.75
N GLY A 282 -5.97 -3.91 -11.09
CA GLY A 282 -4.83 -4.63 -10.53
C GLY A 282 -4.99 -4.96 -9.05
N VAL A 283 -3.98 -5.65 -8.51
CA VAL A 283 -4.00 -5.93 -7.07
C VAL A 283 -3.83 -4.63 -6.28
N HIS A 284 -3.10 -3.66 -6.83
CA HIS A 284 -2.89 -2.40 -6.11
C HIS A 284 -4.20 -1.63 -5.97
N GLY A 285 -4.83 -1.28 -7.09
CA GLY A 285 -6.11 -0.57 -7.02
C GLY A 285 -7.19 -1.39 -6.36
N GLY A 286 -7.20 -2.71 -6.60
CA GLY A 286 -8.20 -3.55 -5.97
C GLY A 286 -8.12 -3.57 -4.47
N GLY A 287 -6.90 -3.67 -3.92
CA GLY A 287 -6.74 -3.61 -2.48
C GLY A 287 -7.14 -2.27 -1.89
N HIS A 288 -6.83 -1.18 -2.61
CA HIS A 288 -7.19 0.16 -2.14
C HIS A 288 -8.70 0.35 -2.12
N TYR A 289 -9.35 0.18 -3.28
CA TYR A 289 -10.76 0.50 -3.38
C TYR A 289 -11.66 -0.47 -2.60
N SER A 290 -11.19 -1.67 -2.28
CA SER A 290 -11.99 -2.60 -1.50
C SER A 290 -12.26 -2.09 -0.09
N MET A 291 -11.46 -1.14 0.38
CA MET A 291 -11.72 -0.52 1.68
C MET A 291 -12.90 0.46 1.61
N GLY A 292 -13.16 1.04 0.44
CA GLY A 292 -14.17 2.08 0.32
C GLY A 292 -13.88 3.28 1.21
N GLY A 293 -14.87 4.16 1.26
CA GLY A 293 -14.85 5.25 2.22
C GLY A 293 -13.84 6.35 1.92
N ASP A 294 -13.38 6.97 2.99
CA ASP A 294 -12.52 8.16 2.98
C ASP A 294 -11.42 7.94 4.02
N PRO A 295 -10.14 7.94 3.61
CA PRO A 295 -9.62 8.26 2.28
C PRO A 295 -9.37 7.05 1.38
N GLY A 296 -10.08 5.95 1.65
CA GLY A 296 -9.89 4.74 0.85
C GLY A 296 -10.02 4.96 -0.64
N ARG A 297 -10.88 5.90 -1.05
CA ARG A 297 -11.11 6.19 -2.47
C ARG A 297 -10.45 7.49 -2.91
N ASP A 298 -9.41 7.94 -2.21
CA ASP A 298 -8.68 9.15 -2.56
C ASP A 298 -7.22 8.76 -2.78
N VAL A 299 -6.78 8.79 -4.04
N VAL A 299 -6.77 8.80 -4.04
CA VAL A 299 -5.42 8.39 -4.39
CA VAL A 299 -5.42 8.36 -4.36
C VAL A 299 -4.40 9.22 -3.63
C VAL A 299 -4.36 9.26 -3.72
N TYR A 300 -4.70 10.50 -3.40
CA TYR A 300 -3.74 11.39 -2.77
C TYR A 300 -3.63 11.11 -1.27
N VAL A 301 -4.75 10.83 -0.61
CA VAL A 301 -4.84 10.80 0.84
C VAL A 301 -4.87 9.37 1.38
N SER A 302 -4.69 8.36 0.51
N SER A 302 -4.70 8.36 0.51
CA SER A 302 -4.85 6.97 0.91
CA SER A 302 -4.76 6.94 0.84
C SER A 302 -4.06 6.55 2.15
C SER A 302 -4.05 6.55 2.13
N PRO A 303 -2.84 7.04 2.41
CA PRO A 303 -2.19 6.68 3.69
C PRO A 303 -2.99 7.07 4.92
N GLY A 304 -4.00 7.94 4.79
CA GLY A 304 -4.90 8.22 5.89
C GLY A 304 -5.67 7.00 6.39
N ASP A 305 -5.85 5.99 5.53
CA ASP A 305 -6.41 4.72 5.98
C ASP A 305 -5.31 3.89 6.61
N THR A 306 -5.50 3.50 7.87
CA THR A 306 -4.44 2.81 8.61
C THR A 306 -4.08 1.46 8.00
N ALA A 307 -4.95 0.88 7.17
CA ALA A 307 -4.60 -0.37 6.50
C ALA A 307 -3.70 -0.16 5.30
N PHE A 308 -3.47 1.09 4.87
CA PHE A 308 -2.52 1.39 3.81
C PHE A 308 -1.18 0.70 4.03
N TRP A 309 -0.70 0.70 5.27
CA TRP A 309 0.64 0.20 5.56
C TRP A 309 0.72 -1.31 5.40
N LEU A 310 -0.35 -2.02 5.77
CA LEU A 310 -0.38 -3.46 5.57
C LEU A 310 -0.60 -3.83 4.11
N HIS A 311 -1.37 -3.00 3.39
CA HIS A 311 -1.60 -3.23 1.97
C HIS A 311 -0.31 -3.09 1.17
N HIS A 312 0.49 -2.07 1.48
CA HIS A 312 1.72 -1.85 0.74
C HIS A 312 2.87 -2.72 1.23
N GLY A 313 2.78 -3.27 2.45
CA GLY A 313 3.67 -4.36 2.81
C GLY A 313 3.50 -5.55 1.88
N MET A 314 2.24 -5.88 1.54
CA MET A 314 1.97 -6.97 0.60
C MET A 314 2.41 -6.61 -0.81
N ILE A 315 2.19 -5.35 -1.22
CA ILE A 315 2.68 -4.89 -2.52
C ILE A 315 4.19 -5.09 -2.61
N ASP A 316 4.92 -4.69 -1.57
CA ASP A 316 6.37 -4.82 -1.57
C ASP A 316 6.80 -6.28 -1.51
N ARG A 317 6.03 -7.12 -0.82
CA ARG A 317 6.33 -8.56 -0.80
C ARG A 317 6.22 -9.17 -2.19
N VAL A 318 5.13 -8.86 -2.90
CA VAL A 318 4.92 -9.40 -4.24
C VAL A 318 6.03 -8.95 -5.18
N TRP A 319 6.46 -7.69 -5.05
CA TRP A 319 7.60 -7.21 -5.85
C TRP A 319 8.87 -7.94 -5.46
N TRP A 320 9.09 -8.16 -4.16
CA TRP A 320 10.31 -8.83 -3.71
C TRP A 320 10.36 -10.27 -4.19
N ILE A 321 9.21 -10.95 -4.21
CA ILE A 321 9.16 -12.29 -4.80
C ILE A 321 9.52 -12.23 -6.28
N TRP A 322 8.83 -11.38 -7.03
CA TRP A 322 9.06 -11.27 -8.47
C TRP A 322 10.53 -10.97 -8.77
N GLN A 323 11.14 -10.07 -7.98
CA GLN A 323 12.55 -9.75 -8.18
C GLN A 323 13.44 -10.98 -8.05
N ASN A 324 13.19 -11.79 -7.03
CA ASN A 324 14.10 -12.87 -6.68
C ASN A 324 13.96 -14.09 -7.59
N LEU A 325 12.97 -14.11 -8.50
CA LEU A 325 12.82 -15.22 -9.43
C LEU A 325 13.86 -15.17 -10.55
N ASP A 326 14.50 -14.02 -10.76
CA ASP A 326 15.55 -13.86 -11.75
C ASP A 326 16.38 -12.64 -11.36
N LEU A 327 17.14 -12.77 -10.28
CA LEU A 327 17.71 -11.61 -9.61
C LEU A 327 18.71 -10.89 -10.50
N ARG A 328 19.45 -11.64 -11.33
CA ARG A 328 20.47 -11.02 -12.17
C ARG A 328 19.87 -9.95 -13.10
N LYS A 329 18.65 -10.18 -13.58
CA LYS A 329 18.01 -9.26 -14.50
C LYS A 329 16.98 -8.35 -13.85
N ARG A 330 16.41 -8.75 -12.71
CA ARG A 330 15.28 -8.03 -12.12
C ARG A 330 15.63 -7.21 -10.88
N GLN A 331 16.81 -7.40 -10.29
CA GLN A 331 17.14 -6.73 -9.04
C GLN A 331 17.10 -5.21 -9.21
N ASN A 332 17.68 -4.69 -10.28
CA ASN A 332 17.80 -3.26 -10.50
C ASN A 332 16.95 -2.76 -11.66
N ALA A 333 15.96 -3.55 -12.09
CA ALA A 333 15.20 -3.21 -13.28
C ALA A 333 14.29 -2.01 -13.02
N ILE A 334 14.32 -1.04 -13.94
CA ILE A 334 13.54 0.18 -13.85
C ILE A 334 12.94 0.48 -15.22
N SER A 335 11.70 0.98 -15.23
CA SER A 335 11.07 1.39 -16.47
C SER A 335 10.01 2.45 -16.17
N GLY A 336 9.94 3.47 -17.00
CA GLY A 336 9.01 4.57 -16.82
C GLY A 336 9.72 5.90 -16.62
N THR A 337 8.91 6.94 -16.49
CA THR A 337 9.41 8.31 -16.39
C THR A 337 9.08 8.88 -15.00
N GLY A 338 9.31 10.17 -14.84
CA GLY A 338 9.09 10.84 -13.58
C GLY A 338 7.73 11.44 -13.38
N THR A 339 6.79 11.21 -14.31
CA THR A 339 5.47 11.81 -14.25
C THR A 339 4.40 10.74 -14.42
N PHE A 340 3.25 10.98 -13.78
CA PHE A 340 2.08 10.12 -13.84
C PHE A 340 1.73 9.78 -15.29
N MET A 341 1.90 8.51 -15.66
CA MET A 341 1.62 8.06 -17.03
CA MET A 341 1.65 8.02 -17.03
C MET A 341 2.38 8.88 -18.06
N ASN A 342 3.47 9.53 -17.66
CA ASN A 342 4.29 10.36 -18.53
C ASN A 342 3.49 11.52 -19.13
N ASN A 343 2.56 12.07 -18.35
CA ASN A 343 1.82 13.28 -18.72
C ASN A 343 2.02 14.34 -17.65
N PRO A 344 2.71 15.46 -17.93
CA PRO A 344 3.42 15.67 -19.20
C PRO A 344 4.69 14.82 -19.30
N ALA A 345 5.34 14.83 -20.45
CA ALA A 345 6.53 13.99 -20.65
C ALA A 345 7.66 14.43 -19.74
N SER A 346 8.42 13.46 -19.24
CA SER A 346 9.57 13.71 -18.37
C SER A 346 10.63 12.66 -18.70
N PRO A 347 11.88 12.91 -18.33
CA PRO A 347 12.93 11.94 -18.63
C PRO A 347 12.70 10.61 -17.92
N ASN A 348 13.30 9.56 -18.47
CA ASN A 348 13.19 8.23 -17.90
C ASN A 348 13.76 8.18 -16.49
N THR A 349 13.13 7.39 -15.62
CA THR A 349 13.73 7.07 -14.35
C THR A 349 14.98 6.22 -14.54
N THR A 350 16.05 6.57 -13.82
CA THR A 350 17.28 5.79 -13.82
C THR A 350 17.69 5.52 -12.39
N LEU A 351 18.82 4.81 -12.24
CA LEU A 351 19.33 4.47 -10.92
C LEU A 351 19.90 5.69 -10.19
N ASP A 352 20.19 6.77 -10.91
CA ASP A 352 20.64 8.01 -10.27
C ASP A 352 19.49 8.92 -9.86
N THR A 353 18.25 8.58 -10.22
CA THR A 353 17.11 9.39 -9.82
C THR A 353 16.99 9.42 -8.31
N VAL A 354 16.82 10.61 -7.75
CA VAL A 354 16.75 10.82 -6.31
C VAL A 354 15.30 11.05 -5.92
N ILE A 355 14.88 10.43 -4.82
CA ILE A 355 13.54 10.63 -4.26
C ILE A 355 13.69 10.98 -2.79
N ASP A 356 12.61 11.51 -2.21
CA ASP A 356 12.60 11.89 -0.81
C ASP A 356 11.17 11.81 -0.30
N LEU A 357 11.03 11.78 1.03
CA LEU A 357 9.74 11.73 1.69
C LEU A 357 9.42 13.03 2.41
N GLY A 358 10.00 14.14 1.96
CA GLY A 358 9.74 15.42 2.58
C GLY A 358 10.10 15.40 4.05
N TYR A 359 9.19 15.88 4.90
CA TYR A 359 9.41 15.95 6.33
C TYR A 359 8.95 14.69 7.07
N ALA A 360 8.45 13.69 6.37
CA ALA A 360 7.95 12.49 7.04
C ALA A 360 9.05 11.80 7.83
N ASN A 361 10.15 11.44 7.17
CA ASN A 361 11.29 10.78 7.79
C ASN A 361 12.37 10.59 6.74
N GLY A 362 13.57 10.28 7.21
CA GLY A 362 14.69 10.02 6.32
C GLY A 362 15.11 11.24 5.51
N GLY A 363 15.97 10.97 4.53
CA GLY A 363 16.47 12.01 3.66
C GLY A 363 16.45 11.58 2.21
N PRO A 364 16.97 12.44 1.33
CA PRO A 364 17.03 12.09 -0.10
C PRO A 364 17.86 10.83 -0.31
N ILE A 365 17.47 10.05 -1.32
CA ILE A 365 18.09 8.77 -1.57
C ILE A 365 17.90 8.42 -3.04
N ALA A 366 18.95 7.87 -3.65
CA ALA A 366 18.91 7.51 -5.06
C ALA A 366 18.24 6.16 -5.26
N MET A 367 17.63 5.98 -6.44
CA MET A 367 16.99 4.72 -6.77
C MET A 367 17.93 3.54 -6.59
N ARG A 368 19.21 3.74 -6.94
CA ARG A 368 20.26 2.74 -6.80
C ARG A 368 20.20 2.05 -5.43
N ASP A 369 20.02 2.83 -4.37
CA ASP A 369 20.09 2.32 -3.01
C ASP A 369 18.77 1.75 -2.50
N LEU A 370 17.75 1.66 -3.36
CA LEU A 370 16.43 1.20 -2.95
C LEU A 370 16.02 -0.14 -3.53
N MET A 371 16.77 -0.68 -4.50
CA MET A 371 16.27 -1.78 -5.30
C MET A 371 16.29 -3.12 -4.57
N SER A 372 17.07 -3.26 -3.51
CA SER A 372 17.21 -4.52 -2.80
C SER A 372 16.82 -4.37 -1.34
N THR A 373 16.06 -5.35 -0.81
CA THR A 373 15.67 -5.32 0.58
C THR A 373 16.81 -5.66 1.53
N THR A 374 18.03 -5.90 1.02
CA THR A 374 19.18 -6.24 1.85
C THR A 374 20.39 -5.41 1.46
N ALA A 375 20.17 -4.24 0.87
CA ALA A 375 21.24 -3.29 0.59
C ALA A 375 20.70 -1.90 0.89
N GLY A 376 21.57 -0.90 0.77
CA GLY A 376 21.25 0.45 1.17
C GLY A 376 20.82 0.48 2.63
N PRO A 377 19.71 1.18 2.90
CA PRO A 377 19.19 1.21 4.28
C PRO A 377 18.42 -0.04 4.69
N PHE A 378 18.17 -0.97 3.77
CA PHE A 378 17.24 -2.07 4.02
C PHE A 378 17.97 -3.34 4.46
N CYS A 379 17.33 -4.09 5.36
CA CYS A 379 17.83 -5.42 5.72
C CYS A 379 16.68 -6.28 6.23
N TYR A 380 15.83 -6.76 5.33
CA TYR A 380 14.68 -7.56 5.74
C TYR A 380 14.29 -8.55 4.66
N VAL A 381 13.47 -9.53 5.07
CA VAL A 381 12.85 -10.51 4.19
C VAL A 381 11.38 -10.62 4.58
N TYR A 382 10.64 -11.38 3.79
CA TYR A 382 9.25 -11.71 4.09
C TYR A 382 9.12 -13.20 4.39
N LEU A 383 8.33 -13.51 5.40
CA LEU A 383 7.86 -14.88 5.63
C LEU A 383 6.34 -14.81 5.72
C1 NAG B . 6.16 19.27 -1.97
C2 NAG B . 6.65 19.84 -0.65
C3 NAG B . 7.66 20.95 -0.89
C4 NAG B . 8.78 20.48 -1.80
C5 NAG B . 8.19 19.88 -3.08
C6 NAG B . 9.23 19.29 -3.99
C7 NAG B . 5.15 19.78 1.30
C8 NAG B . 3.98 20.41 1.98
N2 NAG B . 5.53 20.34 0.14
O3 NAG B . 8.21 21.36 0.36
O4 NAG B . 9.63 21.56 -2.14
O5 NAG B . 7.28 18.83 -2.74
O6 NAG B . 10.00 18.28 -3.34
O7 NAG B . 5.73 18.81 1.77
C1 NAG B . 10.98 21.43 -1.63
C2 NAG B . 12.37 21.63 -2.22
C3 NAG B . 13.41 21.68 -1.11
C4 NAG B . 13.04 22.72 -0.06
C5 NAG B . 11.62 22.48 0.44
C6 NAG B . 11.14 23.54 1.39
C7 NAG B . 12.36 20.66 -4.47
C8 NAG B . 12.77 19.49 -5.32
N2 NAG B . 12.69 20.59 -3.18
O3 NAG B . 14.70 21.98 -1.67
O4 NAG B . 13.94 22.67 1.03
O5 NAG B . 10.70 22.47 -0.67
O6 NAG B . 9.76 23.82 1.21
O7 NAG B . 11.75 21.62 -4.93
C1 BMA B . 14.70 23.86 1.12
C2 BMA B . 15.48 23.60 2.40
C3 BMA B . 16.28 24.84 2.74
C4 BMA B . 17.19 25.24 1.56
C5 BMA B . 16.35 25.36 0.26
C6 BMA B . 17.20 25.52 -0.97
O2 BMA B . 16.43 22.55 2.18
O3 BMA B . 17.04 24.67 3.93
O4 BMA B . 17.83 26.46 1.83
O5 BMA B . 15.58 24.15 0.07
O6 BMA B . 18.07 24.39 -1.07
C1 MAN B . 18.79 24.19 -2.31
C2 MAN B . 19.52 22.89 -1.99
C3 MAN B . 20.56 23.15 -0.89
C4 MAN B . 21.44 24.39 -1.16
C5 MAN B . 20.58 25.61 -1.59
C6 MAN B . 21.39 26.77 -2.09
O2 MAN B . 20.26 22.43 -3.13
O3 MAN B . 21.38 22.00 -0.67
O4 MAN B . 22.15 24.73 0.02
O5 MAN B . 19.66 25.22 -2.64
O6 MAN B . 22.34 26.28 -3.03
C1 MAN B . 21.67 21.25 0.53
C2 MAN B . 22.82 20.37 0.01
C3 MAN B . 22.30 19.38 -1.04
C4 MAN B . 21.03 18.65 -0.56
C5 MAN B . 19.98 19.66 -0.07
C6 MAN B . 18.75 18.99 0.55
O2 MAN B . 23.38 19.57 1.05
O3 MAN B . 23.30 18.43 -1.42
O4 MAN B . 20.47 17.89 -1.62
O5 MAN B . 20.56 20.50 0.94
O6 MAN B . 17.84 20.02 0.93
C1 MAN B . 23.12 27.39 -3.55
C2 MAN B . 23.98 26.74 -4.66
C3 MAN B . 25.21 26.01 -4.07
C4 MAN B . 25.91 26.85 -2.98
C5 MAN B . 24.89 27.25 -1.92
C6 MAN B . 25.47 28.03 -0.75
O2 MAN B . 24.49 27.71 -5.58
O3 MAN B . 26.14 25.64 -5.08
O4 MAN B . 26.94 26.10 -2.37
O5 MAN B . 23.88 28.07 -2.55
O6 MAN B . 25.76 29.35 -1.19
C1 MAN B . 16.15 24.35 5.04
C2 MAN B . 16.32 25.70 5.76
C3 MAN B . 17.78 25.89 6.17
C4 MAN B . 18.30 24.67 6.95
C5 MAN B . 18.09 23.40 6.09
C6 MAN B . 18.51 22.12 6.81
O2 MAN B . 15.57 25.74 6.97
O3 MAN B . 17.97 27.08 6.93
O4 MAN B . 19.67 24.83 7.24
O5 MAN B . 16.70 23.27 5.76
O6 MAN B . 18.43 21.05 5.87
CU CU C . 1.12 6.01 -3.03
CU CU D . -1.08 2.26 -2.97
C1 MAN E . -11.30 -20.11 -5.08
C2 MAN E . -11.86 -20.26 -6.50
C3 MAN E . -11.51 -19.02 -7.32
C4 MAN E . -11.98 -17.75 -6.60
C5 MAN E . -11.35 -17.69 -5.20
C6 MAN E . -11.83 -16.51 -4.37
O2 MAN E . -13.29 -20.34 -6.50
O3 MAN E . -12.07 -19.08 -8.64
O4 MAN E . -11.59 -16.61 -7.35
O5 MAN E . -11.69 -18.90 -4.47
O6 MAN E . -11.15 -16.54 -3.12
C1 NAG F . 14.86 -23.69 -0.19
C2 NAG F . 14.26 -24.71 -1.15
C3 NAG F . 14.24 -26.10 -0.51
C4 NAG F . 15.61 -26.48 0.02
C5 NAG F . 16.10 -25.38 0.96
C6 NAG F . 17.49 -25.65 1.52
C7 NAG F . 12.65 -23.73 -2.73
C8 NAG F . 11.20 -23.42 -2.98
N2 NAG F . 12.92 -24.32 -1.57
O3 NAG F . 13.81 -27.06 -1.47
O4 NAG F . 15.54 -27.71 0.73
O5 NAG F . 16.16 -24.14 0.26
O6 NAG F . 18.49 -25.54 0.52
O7 NAG F . 13.52 -23.46 -3.55
C1 NAG G . 13.31 5.77 -22.30
C2 NAG G . 14.32 5.95 -23.43
C3 NAG G . 13.92 5.13 -24.65
C4 NAG G . 13.69 3.68 -24.26
C5 NAG G . 12.69 3.60 -23.10
C6 NAG G . 12.50 2.18 -22.59
C7 NAG G . 15.59 8.05 -23.64
C8 NAG G . 15.54 9.50 -24.06
N2 NAG G . 14.45 7.36 -23.78
O3 NAG G . 14.93 5.20 -25.65
O4 NAG G . 13.18 2.95 -25.37
O5 NAG G . 13.17 4.38 -22.00
O6 NAG G . 11.47 2.13 -21.61
O7 NAG G . 16.60 7.53 -23.20
C1 RCO H . -3.98 4.45 -5.39
C2 RCO H . -4.66 4.82 -4.24
C3 RCO H . -6.01 4.56 -4.12
C4 RCO H . -6.70 3.94 -5.15
C5 RCO H . -6.02 3.57 -6.30
C6 RCO H . -4.66 3.82 -6.43
O1 RCO H . -2.65 4.70 -5.51
O3 RCO H . -6.68 4.93 -2.97
O1 PEO I . -1.88 5.26 -3.18
O2 PEO I . -0.67 4.47 -3.17
#